data_6XEP
#
_entry.id   6XEP
#
_cell.length_a   80.440
_cell.length_b   88.810
_cell.length_c   44.270
_cell.angle_alpha   90.000
_cell.angle_beta   90.000
_cell.angle_gamma   90.000
#
_symmetry.space_group_name_H-M   'P 21 21 2'
#
loop_
_entity.id
_entity.type
_entity.pdbx_description
1 polymer 'Thiamine-monophosphate kinase'
2 non-polymer 1,2-ETHANEDIOL
3 non-polymer 'SODIUM ION'
4 water water
#
_entity_poly.entity_id   1
_entity_poly.type   'polypeptide(L)'
_entity_poly.pdbx_seq_one_letter_code
;MAHHHHHHMSLAEFALIDRIRARTLERDDILLGIGDDAALLQPRANEQLVVTADTLNSGVHFPVETRAFDIGWKTLAVNL
SDLAAMGARPAWCTLALSLPEASEDWIEAFGDGFFALADQHDIALIGGDTTRGPLSLSVTAMGQVGRGQALRRDRAQLGD
DIWVSGTLGDAAGALRLWQQGALNLATATLLADYESLRLRLLRPTPRVTLGLRLRAFAHAAVDVSDGLLADLGHIAARSN
VAAHVDADSLPISHALRELLGRDDARDCALRGGDDYELCFTAAADQRDALHYLAESLDLPLTRIGRIADGQGVHVDGEAA
DGGYQHFA
;
_entity_poly.pdbx_strand_id   A
#
# COMPACT_ATOMS: atom_id res chain seq x y z
N HIS A 5 -21.87 1.23 -28.34
CA HIS A 5 -20.85 0.61 -27.50
C HIS A 5 -21.18 0.79 -26.03
N HIS A 6 -20.13 1.00 -25.23
CA HIS A 6 -20.10 1.19 -23.76
C HIS A 6 -20.38 -0.09 -22.99
N HIS A 7 -20.36 -1.25 -23.64
CA HIS A 7 -20.56 -2.53 -22.97
C HIS A 7 -19.67 -2.68 -21.74
N HIS A 8 -20.24 -3.27 -20.68
CA HIS A 8 -19.49 -3.70 -19.52
C HIS A 8 -19.13 -5.17 -19.67
N MET A 9 -17.86 -5.51 -19.50
CA MET A 9 -17.42 -6.90 -19.51
C MET A 9 -17.13 -7.30 -18.08
N SER A 10 -17.91 -8.24 -17.55
CA SER A 10 -17.61 -8.77 -16.22
C SER A 10 -16.80 -10.06 -16.38
N LEU A 11 -16.72 -10.86 -15.32
CA LEU A 11 -16.07 -12.16 -15.31
C LEU A 11 -16.52 -13.03 -16.48
N ALA A 12 -15.73 -14.06 -16.81
CA ALA A 12 -15.93 -14.98 -17.93
C ALA A 12 -15.50 -14.32 -19.24
N GLU A 13 -15.78 -13.03 -19.39
CA GLU A 13 -15.30 -12.25 -20.52
C GLU A 13 -13.95 -11.60 -20.26
N PHE A 14 -13.49 -11.58 -19.00
CA PHE A 14 -12.22 -10.94 -18.66
C PHE A 14 -11.08 -11.54 -19.47
N ALA A 15 -10.19 -10.70 -19.97
CA ALA A 15 -8.99 -11.23 -20.62
C ALA A 15 -8.16 -12.07 -19.64
N LEU A 16 -8.26 -11.76 -18.35
CA LEU A 16 -7.49 -12.41 -17.30
C LEU A 16 -8.17 -13.65 -16.72
N ILE A 17 -9.26 -14.11 -17.33
CA ILE A 17 -10.10 -15.11 -16.65
C ILE A 17 -9.34 -16.41 -16.39
N ASP A 18 -8.45 -16.80 -17.31
CA ASP A 18 -7.74 -18.06 -17.09
C ASP A 18 -6.86 -17.96 -15.84
N ARG A 19 -6.11 -16.88 -15.71
CA ARG A 19 -5.30 -16.69 -14.52
CA ARG A 19 -5.29 -16.71 -14.52
C ARG A 19 -6.16 -16.50 -13.28
N ILE A 20 -7.32 -15.84 -13.41
CA ILE A 20 -8.24 -15.73 -12.27
C ILE A 20 -8.65 -17.12 -11.79
N ARG A 21 -9.14 -17.96 -12.72
CA ARG A 21 -9.62 -19.28 -12.32
C ARG A 21 -8.51 -20.14 -11.75
N ALA A 22 -7.30 -20.04 -12.30
CA ALA A 22 -6.20 -20.84 -11.78
C ALA A 22 -6.01 -20.59 -10.30
N ARG A 23 -6.30 -19.37 -9.86
CA ARG A 23 -6.14 -18.98 -8.47
C ARG A 23 -7.36 -19.31 -7.61
N THR A 24 -8.57 -19.21 -8.16
CA THR A 24 -9.73 -19.61 -7.36
C THR A 24 -9.84 -21.13 -7.21
N LEU A 25 -9.23 -21.91 -8.10
CA LEU A 25 -9.28 -23.36 -7.97
C LEU A 25 -8.61 -23.82 -6.69
N GLU A 26 -7.61 -23.06 -6.20
CA GLU A 26 -6.87 -23.44 -5.02
C GLU A 26 -7.35 -22.74 -3.75
N ARG A 27 -8.53 -22.13 -3.79
CA ARG A 27 -9.09 -21.39 -2.66
C ARG A 27 -10.40 -22.05 -2.27
N ASP A 28 -10.48 -22.65 -1.08
CA ASP A 28 -11.72 -23.32 -0.71
CA ASP A 28 -11.71 -23.32 -0.68
C ASP A 28 -12.83 -22.35 -0.33
N ASP A 29 -12.54 -21.06 -0.19
CA ASP A 29 -13.55 -20.04 0.14
C ASP A 29 -14.13 -19.35 -1.08
N ILE A 30 -13.76 -19.79 -2.28
CA ILE A 30 -14.21 -19.18 -3.53
C ILE A 30 -14.74 -20.27 -4.43
N LEU A 31 -15.99 -20.16 -4.83
CA LEU A 31 -16.59 -21.10 -5.77
C LEU A 31 -16.68 -20.39 -7.11
N LEU A 32 -15.87 -20.83 -8.08
CA LEU A 32 -15.85 -20.20 -9.41
C LEU A 32 -15.48 -21.28 -10.43
N GLY A 33 -16.48 -21.89 -11.00
CA GLY A 33 -16.23 -22.95 -11.96
C GLY A 33 -16.02 -22.42 -13.36
N ILE A 34 -15.59 -23.33 -14.24
N ILE A 34 -15.60 -23.33 -14.24
CA ILE A 34 -15.64 -23.07 -15.66
CA ILE A 34 -15.39 -22.98 -15.65
C ILE A 34 -17.07 -22.76 -16.03
C ILE A 34 -16.65 -22.36 -16.23
N GLY A 35 -17.27 -21.80 -16.91
N GLY A 35 -17.79 -22.98 -15.97
CA GLY A 35 -18.63 -21.38 -17.19
CA GLY A 35 -19.05 -22.47 -16.45
C GLY A 35 -19.23 -20.36 -16.23
C GLY A 35 -19.77 -21.63 -15.41
N ASP A 36 -19.09 -20.59 -14.91
CA ASP A 36 -19.65 -19.70 -13.90
C ASP A 36 -19.42 -18.24 -14.28
N ASP A 37 -20.47 -17.45 -14.14
CA ASP A 37 -20.41 -16.05 -14.50
C ASP A 37 -20.09 -15.14 -13.32
N ALA A 38 -20.08 -15.67 -12.11
CA ALA A 38 -19.74 -14.89 -10.94
C ALA A 38 -19.31 -15.83 -9.84
N ALA A 39 -18.41 -15.36 -8.99
CA ALA A 39 -17.89 -16.19 -7.92
C ALA A 39 -18.80 -16.10 -6.69
N LEU A 40 -18.91 -17.21 -5.98
CA LEU A 40 -19.57 -17.23 -4.68
C LEU A 40 -18.47 -17.25 -3.62
N LEU A 41 -18.50 -16.29 -2.70
CA LEU A 41 -17.48 -16.17 -1.68
C LEU A 41 -18.01 -16.59 -0.31
N GLN A 42 -17.17 -17.29 0.46
CA GLN A 42 -17.54 -17.74 1.79
C GLN A 42 -16.74 -16.98 2.85
N PRO A 43 -17.33 -15.99 3.51
CA PRO A 43 -16.60 -15.28 4.57
C PRO A 43 -16.39 -16.21 5.76
N ARG A 44 -15.43 -15.83 6.60
CA ARG A 44 -15.34 -16.53 7.89
C ARG A 44 -16.43 -16.01 8.83
N ALA A 45 -17.17 -16.95 9.42
CA ALA A 45 -18.37 -16.62 10.18
C ALA A 45 -18.05 -15.74 11.39
N ASN A 46 -16.97 -16.04 12.11
CA ASN A 46 -16.66 -15.26 13.31
C ASN A 46 -15.77 -14.05 13.01
N GLU A 47 -15.45 -13.78 11.75
CA GLU A 47 -14.63 -12.62 11.42
C GLU A 47 -15.49 -11.54 10.78
N GLN A 48 -14.98 -10.33 10.81
CA GLN A 48 -15.65 -9.21 10.17
C GLN A 48 -14.91 -8.83 8.88
N LEU A 49 -15.66 -8.30 7.93
CA LEU A 49 -15.11 -7.84 6.67
C LEU A 49 -14.82 -6.35 6.74
N VAL A 50 -13.72 -5.93 6.15
CA VAL A 50 -13.44 -4.52 5.92
C VAL A 50 -13.12 -4.35 4.45
N VAL A 51 -13.50 -3.21 3.90
CA VAL A 51 -13.46 -3.02 2.47
C VAL A 51 -12.79 -1.69 2.19
N THR A 52 -11.88 -1.68 1.22
CA THR A 52 -11.18 -0.48 0.79
CA THR A 52 -11.25 -0.45 0.80
C THR A 52 -11.37 -0.32 -0.70
N ALA A 53 -11.29 0.93 -1.17
CA ALA A 53 -11.44 1.16 -2.60
C ALA A 53 -10.60 2.38 -2.96
N ASP A 54 -9.90 2.28 -4.08
CA ASP A 54 -9.03 3.35 -4.57
C ASP A 54 -9.10 3.35 -6.08
N THR A 55 -9.05 4.53 -6.68
CA THR A 55 -8.98 4.65 -8.13
C THR A 55 -7.66 5.31 -8.48
N LEU A 56 -6.93 4.75 -9.44
CA LEU A 56 -5.75 5.39 -9.99
C LEU A 56 -6.07 5.81 -11.42
N ASN A 57 -5.87 7.09 -11.70
CA ASN A 57 -6.16 7.68 -13.00
C ASN A 57 -4.86 8.09 -13.69
N SER A 58 -4.79 7.78 -14.99
CA SER A 58 -3.62 8.10 -15.81
C SER A 58 -3.34 9.59 -15.80
N GLY A 59 -2.06 9.93 -15.59
CA GLY A 59 -1.65 11.32 -15.49
C GLY A 59 -1.86 11.95 -14.13
N VAL A 60 -2.67 11.35 -13.27
CA VAL A 60 -2.97 11.87 -11.94
C VAL A 60 -2.18 11.07 -10.91
N HIS A 61 -2.49 9.78 -10.78
CA HIS A 61 -1.85 8.95 -9.78
C HIS A 61 -0.62 8.26 -10.31
N PHE A 62 -0.40 8.30 -11.62
CA PHE A 62 0.81 7.74 -12.21
C PHE A 62 1.10 8.50 -13.50
N PRO A 63 2.36 8.79 -13.78
CA PRO A 63 2.69 9.43 -15.06
C PRO A 63 2.22 8.56 -16.22
N VAL A 64 1.86 9.22 -17.32
CA VAL A 64 1.24 8.48 -18.42
C VAL A 64 2.19 7.42 -18.98
N GLU A 65 3.49 7.66 -18.91
CA GLU A 65 4.43 6.69 -19.44
C GLU A 65 4.64 5.48 -18.53
N THR A 66 4.00 5.43 -17.36
CA THR A 66 4.13 4.25 -16.50
C THR A 66 3.72 2.99 -17.27
N ARG A 67 4.55 1.95 -17.17
CA ARG A 67 4.28 0.71 -17.91
C ARG A 67 3.15 -0.09 -17.28
N ALA A 68 2.49 -0.90 -18.11
CA ALA A 68 1.33 -1.68 -17.66
C ALA A 68 1.61 -2.51 -16.41
N PHE A 69 2.74 -3.23 -16.39
CA PHE A 69 3.05 -4.04 -15.21
C PHE A 69 3.06 -3.20 -13.94
N ASP A 70 3.67 -2.02 -14.00
CA ASP A 70 3.77 -1.19 -12.79
C ASP A 70 2.42 -0.60 -12.39
N ILE A 71 1.58 -0.29 -13.38
CA ILE A 71 0.21 0.15 -13.07
C ILE A 71 -0.55 -0.97 -12.38
N GLY A 72 -0.42 -2.20 -12.86
CA GLY A 72 -1.09 -3.32 -12.23
C GLY A 72 -0.62 -3.55 -10.80
N TRP A 73 0.69 -3.50 -10.58
CA TRP A 73 1.24 -3.65 -9.24
C TRP A 73 0.73 -2.53 -8.32
N LYS A 74 0.92 -1.28 -8.73
CA LYS A 74 0.67 -0.17 -7.82
C LYS A 74 -0.81 -0.03 -7.52
N THR A 75 -1.68 -0.30 -8.51
CA THR A 75 -3.12 -0.20 -8.25
C THR A 75 -3.53 -1.11 -7.10
N LEU A 76 -3.03 -2.35 -7.09
CA LEU A 76 -3.33 -3.23 -5.97
C LEU A 76 -2.59 -2.83 -4.70
N ALA A 77 -1.33 -2.39 -4.83
CA ALA A 77 -0.52 -2.07 -3.65
C ALA A 77 -1.18 -0.99 -2.79
N VAL A 78 -1.82 0.00 -3.42
CA VAL A 78 -2.50 1.05 -2.64
C VAL A 78 -3.55 0.44 -1.72
N ASN A 79 -4.35 -0.49 -2.26
CA ASN A 79 -5.41 -1.10 -1.46
C ASN A 79 -4.86 -2.01 -0.38
N LEU A 80 -3.83 -2.78 -0.72
CA LEU A 80 -3.24 -3.66 0.27
C LEU A 80 -2.60 -2.86 1.40
N SER A 81 -2.03 -1.69 1.08
CA SER A 81 -1.46 -0.85 2.12
C SER A 81 -2.55 -0.33 3.05
N ASP A 82 -3.73 0.00 2.49
CA ASP A 82 -4.88 0.40 3.30
CA ASP A 82 -4.84 0.41 3.33
C ASP A 82 -5.28 -0.73 4.24
N LEU A 83 -5.36 -1.96 3.71
CA LEU A 83 -5.74 -3.10 4.53
C LEU A 83 -4.68 -3.37 5.60
N ALA A 84 -3.40 -3.18 5.24
CA ALA A 84 -2.33 -3.42 6.20
C ALA A 84 -2.46 -2.55 7.44
N ALA A 85 -2.78 -1.26 7.23
CA ALA A 85 -2.87 -0.32 8.33
C ALA A 85 -4.02 -0.64 9.25
N MET A 86 -4.96 -1.48 8.81
CA MET A 86 -6.03 -1.96 9.67
C MET A 86 -5.74 -3.33 10.24
N GLY A 87 -4.60 -3.92 9.91
CA GLY A 87 -4.29 -5.25 10.39
C GLY A 87 -5.23 -6.30 9.84
N ALA A 88 -5.76 -6.06 8.66
CA ALA A 88 -6.72 -6.97 8.06
C ALA A 88 -6.01 -7.97 7.17
N ARG A 89 -6.54 -9.18 7.13
CA ARG A 89 -6.03 -10.23 6.26
C ARG A 89 -6.70 -10.12 4.89
N PRO A 90 -5.97 -9.78 3.82
CA PRO A 90 -6.61 -9.70 2.49
C PRO A 90 -7.24 -11.02 2.08
N ALA A 91 -8.38 -10.91 1.40
CA ALA A 91 -9.15 -12.08 0.98
C ALA A 91 -9.45 -12.01 -0.52
N TRP A 92 -10.23 -11.02 -0.93
CA TRP A 92 -10.74 -10.94 -2.29
C TRP A 92 -10.63 -9.52 -2.82
N CYS A 93 -10.64 -9.38 -4.14
CA CYS A 93 -10.71 -8.03 -4.70
C CYS A 93 -11.45 -8.03 -6.04
N THR A 94 -11.89 -6.84 -6.42
CA THR A 94 -12.46 -6.62 -7.75
C THR A 94 -11.63 -5.57 -8.47
N LEU A 95 -11.70 -5.61 -9.79
CA LEU A 95 -10.93 -4.69 -10.62
C LEU A 95 -11.85 -4.15 -11.69
N ALA A 96 -11.97 -2.82 -11.76
CA ALA A 96 -12.80 -2.15 -12.76
C ALA A 96 -11.85 -1.32 -13.61
N LEU A 97 -11.63 -1.76 -14.85
CA LEU A 97 -10.68 -1.15 -15.77
C LEU A 97 -11.43 -0.33 -16.81
N SER A 98 -11.07 0.95 -16.93
CA SER A 98 -11.51 1.80 -18.03
C SER A 98 -10.32 1.94 -18.96
N LEU A 99 -10.49 1.52 -20.22
CA LEU A 99 -9.43 1.64 -21.21
C LEU A 99 -9.93 2.39 -22.43
N PRO A 100 -9.11 3.28 -22.99
CA PRO A 100 -9.54 4.01 -24.18
C PRO A 100 -9.75 3.11 -25.39
N GLU A 101 -8.85 2.15 -25.58
CA GLU A 101 -8.87 1.23 -26.71
C GLU A 101 -8.55 -0.17 -26.20
N ALA A 102 -9.13 -1.18 -26.86
CA ALA A 102 -8.72 -2.54 -26.58
C ALA A 102 -7.22 -2.66 -26.84
N SER A 103 -6.51 -3.26 -25.90
CA SER A 103 -5.12 -3.65 -26.12
C SER A 103 -4.90 -4.94 -25.36
N GLU A 104 -4.88 -6.06 -26.10
CA GLU A 104 -4.67 -7.37 -25.49
C GLU A 104 -3.34 -7.41 -24.76
N ASP A 105 -2.27 -6.90 -25.39
CA ASP A 105 -0.96 -6.99 -24.78
C ASP A 105 -0.85 -6.13 -23.53
N TRP A 106 -1.50 -4.97 -23.51
CA TRP A 106 -1.43 -4.14 -22.31
C TRP A 106 -2.11 -4.82 -21.13
N ILE A 107 -3.29 -5.41 -21.35
CA ILE A 107 -4.01 -6.03 -20.24
C ILE A 107 -3.24 -7.23 -19.71
N GLU A 108 -2.61 -8.00 -20.60
CA GLU A 108 -1.80 -9.14 -20.15
CA GLU A 108 -1.82 -9.13 -20.13
C GLU A 108 -0.65 -8.67 -19.27
N ALA A 109 0.02 -7.59 -19.66
CA ALA A 109 1.13 -7.06 -18.88
C ALA A 109 0.64 -6.45 -17.57
N PHE A 110 -0.49 -5.76 -17.61
CA PHE A 110 -1.10 -5.28 -16.37
C PHE A 110 -1.37 -6.46 -15.44
N GLY A 111 -1.89 -7.56 -15.99
CA GLY A 111 -2.18 -8.71 -15.17
C GLY A 111 -0.92 -9.30 -14.55
N ASP A 112 0.18 -9.30 -15.31
CA ASP A 112 1.46 -9.73 -14.75
C ASP A 112 1.75 -9.01 -13.43
N GLY A 113 1.59 -7.69 -13.41
CA GLY A 113 1.96 -6.95 -12.23
C GLY A 113 0.96 -7.10 -11.11
N PHE A 114 -0.32 -7.13 -11.48
CA PHE A 114 -1.39 -7.36 -10.52
C PHE A 114 -1.20 -8.69 -9.79
N PHE A 115 -1.05 -9.78 -10.56
CA PHE A 115 -0.92 -11.09 -9.95
C PHE A 115 0.42 -11.27 -9.28
N ALA A 116 1.48 -10.63 -9.79
CA ALA A 116 2.77 -10.75 -9.10
C ALA A 116 2.63 -10.32 -7.65
N LEU A 117 1.93 -9.20 -7.41
CA LEU A 117 1.72 -8.74 -6.03
C LEU A 117 0.60 -9.50 -5.34
N ALA A 118 -0.51 -9.75 -6.04
CA ALA A 118 -1.65 -10.42 -5.42
C ALA A 118 -1.27 -11.80 -4.88
N ASP A 119 -0.49 -12.56 -5.65
CA ASP A 119 -0.10 -13.91 -5.22
C ASP A 119 0.71 -13.87 -3.94
N GLN A 120 1.52 -12.83 -3.73
CA GLN A 120 2.32 -12.76 -2.52
C GLN A 120 1.49 -12.62 -1.26
N HIS A 121 0.27 -12.12 -1.38
CA HIS A 121 -0.54 -11.81 -0.20
C HIS A 121 -1.83 -12.60 -0.18
N ASP A 122 -1.93 -13.60 -1.07
CA ASP A 122 -3.07 -14.50 -1.13
CA ASP A 122 -3.08 -14.49 -1.14
C ASP A 122 -4.39 -13.72 -1.22
N ILE A 123 -4.40 -12.65 -2.01
CA ILE A 123 -5.65 -11.96 -2.30
C ILE A 123 -6.08 -12.36 -3.71
N ALA A 124 -7.34 -12.76 -3.85
CA ALA A 124 -7.83 -13.34 -5.09
C ALA A 124 -8.72 -12.35 -5.82
N LEU A 125 -8.37 -12.05 -7.08
CA LEU A 125 -9.26 -11.28 -7.95
C LEU A 125 -10.48 -12.15 -8.28
N ILE A 126 -11.69 -11.69 -7.95
CA ILE A 126 -12.87 -12.53 -8.13
C ILE A 126 -13.93 -11.91 -9.03
N GLY A 127 -13.71 -10.70 -9.52
CA GLY A 127 -14.69 -10.09 -10.41
C GLY A 127 -14.26 -8.69 -10.80
N GLY A 128 -15.15 -8.01 -11.50
CA GLY A 128 -14.93 -6.61 -11.82
C GLY A 128 -15.55 -6.26 -13.17
N ASP A 129 -14.95 -5.25 -13.82
CA ASP A 129 -15.48 -4.70 -15.07
C ASP A 129 -14.32 -4.33 -15.98
N THR A 130 -14.53 -4.45 -17.29
CA THR A 130 -13.66 -3.81 -18.28
C THR A 130 -14.55 -3.02 -19.22
N THR A 131 -14.30 -1.72 -19.37
CA THR A 131 -15.18 -0.91 -20.21
C THR A 131 -14.36 0.23 -20.81
N ARG A 132 -15.00 1.00 -21.67
CA ARG A 132 -14.31 2.04 -22.42
C ARG A 132 -14.28 3.35 -21.63
N GLY A 133 -13.15 4.03 -21.69
CA GLY A 133 -13.03 5.34 -21.09
C GLY A 133 -11.58 5.73 -20.93
N PRO A 134 -11.33 6.98 -20.54
CA PRO A 134 -9.98 7.38 -20.13
C PRO A 134 -9.40 6.38 -19.14
N LEU A 135 -8.10 6.11 -19.27
CA LEU A 135 -7.46 5.07 -18.50
C LEU A 135 -7.63 5.31 -17.00
N SER A 136 -8.34 4.41 -16.34
CA SER A 136 -8.67 4.54 -14.93
C SER A 136 -8.83 3.13 -14.39
N LEU A 137 -8.22 2.89 -13.24
CA LEU A 137 -8.20 1.58 -12.60
C LEU A 137 -8.75 1.73 -11.20
N SER A 138 -9.88 1.08 -10.93
CA SER A 138 -10.51 1.16 -9.63
C SER A 138 -10.52 -0.23 -9.02
N VAL A 139 -9.92 -0.38 -7.84
CA VAL A 139 -9.83 -1.67 -7.17
C VAL A 139 -10.57 -1.57 -5.84
N THR A 140 -11.36 -2.59 -5.56
CA THR A 140 -11.99 -2.75 -4.26
C THR A 140 -11.37 -3.99 -3.65
N ALA A 141 -10.82 -3.86 -2.45
CA ALA A 141 -10.19 -4.98 -1.78
C ALA A 141 -10.92 -5.28 -0.47
N MET A 142 -11.17 -6.56 -0.23
CA MET A 142 -11.89 -7.01 0.94
CA MET A 142 -11.90 -7.02 0.94
C MET A 142 -10.94 -7.82 1.81
N GLY A 143 -10.85 -7.45 3.09
CA GLY A 143 -10.03 -8.17 4.05
C GLY A 143 -10.89 -8.59 5.24
N GLN A 144 -10.32 -9.43 6.10
CA GLN A 144 -11.07 -9.93 7.24
C GLN A 144 -10.27 -9.71 8.52
N VAL A 145 -10.99 -9.47 9.62
CA VAL A 145 -10.37 -9.25 10.92
C VAL A 145 -11.17 -9.99 12.00
N GLY A 146 -10.45 -10.59 12.94
CA GLY A 146 -11.13 -11.16 14.10
C GLY A 146 -11.73 -10.07 14.95
N ARG A 147 -12.63 -10.47 15.86
CA ARG A 147 -13.32 -9.50 16.70
C ARG A 147 -12.32 -8.68 17.51
N GLY A 148 -12.40 -7.35 17.40
CA GLY A 148 -11.55 -6.44 18.14
C GLY A 148 -10.11 -6.42 17.70
N GLN A 149 -9.76 -7.10 16.61
CA GLN A 149 -8.39 -7.23 16.16
C GLN A 149 -7.96 -6.12 15.20
N ALA A 150 -8.89 -5.32 14.70
CA ALA A 150 -8.53 -4.28 13.74
C ALA A 150 -7.64 -3.24 14.41
N LEU A 151 -6.63 -2.78 13.68
CA LEU A 151 -5.85 -1.64 14.13
C LEU A 151 -6.62 -0.36 13.82
N ARG A 152 -6.41 0.63 14.67
CA ARG A 152 -7.16 1.88 14.60
C ARG A 152 -6.21 3.07 14.70
N ARG A 153 -6.68 4.23 14.28
CA ARG A 153 -5.91 5.47 14.34
C ARG A 153 -6.10 6.24 15.64
N ASP A 154 -7.08 5.88 16.45
CA ASP A 154 -7.51 6.73 17.56
C ASP A 154 -7.05 6.24 18.93
N ARG A 155 -6.12 5.29 18.98
CA ARG A 155 -5.78 4.67 20.25
C ARG A 155 -4.33 4.88 20.65
N ALA A 156 -3.65 5.88 20.09
CA ALA A 156 -2.32 6.22 20.60
C ALA A 156 -2.44 6.64 22.06
N GLN A 157 -1.43 6.28 22.86
CA GLN A 157 -1.43 6.58 24.28
CA GLN A 157 -1.42 6.55 24.29
C GLN A 157 -0.27 7.49 24.63
N LEU A 158 -0.50 8.36 25.62
CA LEU A 158 0.58 9.20 26.11
C LEU A 158 1.77 8.36 26.51
N GLY A 159 2.97 8.82 26.15
CA GLY A 159 4.18 8.07 26.39
C GLY A 159 4.56 7.04 25.33
N ASP A 160 3.72 6.79 24.32
CA ASP A 160 4.07 5.84 23.27
C ASP A 160 5.29 6.30 22.50
N ASP A 161 6.09 5.34 22.03
CA ASP A 161 7.02 5.61 20.94
C ASP A 161 6.26 5.65 19.61
N ILE A 162 6.76 6.42 18.67
CA ILE A 162 6.28 6.42 17.28
C ILE A 162 7.30 5.65 16.45
N TRP A 163 6.81 4.77 15.57
CA TRP A 163 7.64 3.92 14.72
C TRP A 163 7.19 4.05 13.27
N VAL A 164 8.10 3.76 12.34
CA VAL A 164 7.72 3.69 10.93
C VAL A 164 8.51 2.59 10.25
N SER A 165 7.87 1.91 9.30
CA SER A 165 8.50 0.81 8.59
C SER A 165 9.27 1.33 7.37
N GLY A 166 10.23 0.52 6.91
CA GLY A 166 10.90 0.80 5.64
C GLY A 166 11.67 2.10 5.64
N THR A 167 11.49 2.84 4.56
CA THR A 167 12.15 4.13 4.36
C THR A 167 11.09 5.12 3.90
N LEU A 168 11.37 6.41 4.11
CA LEU A 168 10.40 7.45 3.78
C LEU A 168 10.98 8.39 2.73
N GLY A 169 10.16 8.71 1.73
CA GLY A 169 10.49 9.76 0.78
C GLY A 169 11.04 9.28 -0.56
N ASP A 170 11.27 7.97 -0.71
CA ASP A 170 11.85 7.47 -1.96
C ASP A 170 10.97 7.79 -3.16
N ALA A 171 9.68 7.48 -3.06
CA ALA A 171 8.79 7.73 -4.19
C ALA A 171 8.78 9.21 -4.54
N ALA A 172 8.69 10.08 -3.54
CA ALA A 172 8.71 11.52 -3.79
C ALA A 172 10.01 11.93 -4.46
N GLY A 173 11.13 11.34 -4.02
CA GLY A 173 12.40 11.63 -4.66
C GLY A 173 12.43 11.24 -6.13
N ALA A 174 11.96 10.03 -6.45
CA ALA A 174 11.86 9.64 -7.85
C ALA A 174 10.97 10.60 -8.63
N LEU A 175 9.83 11.00 -8.06
CA LEU A 175 8.93 11.93 -8.74
C LEU A 175 9.63 13.25 -9.01
N ARG A 176 10.38 13.76 -8.03
CA ARG A 176 11.10 15.02 -8.23
C ARG A 176 12.16 14.89 -9.33
N LEU A 177 12.95 13.81 -9.29
CA LEU A 177 13.94 13.61 -10.34
C LEU A 177 13.27 13.50 -11.71
N TRP A 178 12.14 12.81 -11.77
CA TRP A 178 11.41 12.73 -13.03
C TRP A 178 10.95 14.10 -13.51
N GLN A 179 10.42 14.93 -12.60
CA GLN A 179 9.95 16.26 -12.97
C GLN A 179 11.10 17.16 -13.42
N GLN A 180 12.28 16.99 -12.82
CA GLN A 180 13.44 17.76 -13.21
C GLN A 180 14.08 17.25 -14.48
N GLY A 181 13.56 16.15 -15.04
CA GLY A 181 14.10 15.62 -16.27
C GLY A 181 15.25 14.65 -16.09
N ALA A 182 15.48 14.17 -14.87
CA ALA A 182 16.66 13.36 -14.57
C ALA A 182 16.37 11.87 -14.45
N LEU A 183 15.11 11.44 -14.53
CA LEU A 183 14.76 10.03 -14.36
C LEU A 183 13.66 9.63 -15.34
N ASN A 184 13.97 8.65 -16.19
CA ASN A 184 12.96 8.03 -17.06
C ASN A 184 12.23 6.95 -16.27
N LEU A 185 10.90 7.02 -16.23
CA LEU A 185 10.14 6.03 -15.48
C LEU A 185 9.75 4.81 -16.29
N ALA A 186 9.75 4.89 -17.62
CA ALA A 186 9.25 3.82 -18.46
C ALA A 186 10.24 2.69 -18.71
N THR A 187 11.50 2.88 -18.38
CA THR A 187 12.51 1.87 -18.67
C THR A 187 13.39 1.69 -17.44
N ALA A 188 14.00 0.51 -17.33
CA ALA A 188 14.92 0.23 -16.24
C ALA A 188 16.23 0.95 -16.49
N THR A 189 16.85 1.45 -15.43
CA THR A 189 18.19 2.00 -15.53
C THR A 189 19.17 1.09 -14.81
N LEU A 190 20.38 0.99 -15.36
CA LEU A 190 21.45 0.25 -14.69
C LEU A 190 22.04 1.01 -13.51
N LEU A 191 21.75 2.30 -13.38
CA LEU A 191 22.31 3.11 -12.30
C LEU A 191 21.54 2.78 -11.03
N ALA A 192 22.21 2.13 -10.08
CA ALA A 192 21.51 1.45 -9.00
C ALA A 192 20.66 2.39 -8.15
N ASP A 193 21.18 3.56 -7.78
CA ASP A 193 20.41 4.45 -6.90
C ASP A 193 19.20 5.00 -7.62
N TYR A 194 19.32 5.35 -8.91
CA TYR A 194 18.14 5.80 -9.64
C TYR A 194 17.12 4.69 -9.75
N GLU A 195 17.57 3.47 -10.04
CA GLU A 195 16.64 2.37 -10.19
C GLU A 195 15.92 2.07 -8.87
N SER A 196 16.61 2.21 -7.74
CA SER A 196 15.98 1.97 -6.44
CA SER A 196 15.97 1.98 -6.45
C SER A 196 14.83 2.95 -6.22
N LEU A 197 15.08 4.26 -6.46
CA LEU A 197 14.04 5.24 -6.30
C LEU A 197 12.92 5.01 -7.31
N ARG A 198 13.29 4.66 -8.55
CA ARG A 198 12.27 4.45 -9.59
C ARG A 198 11.27 3.39 -9.14
N LEU A 199 11.76 2.28 -8.60
CA LEU A 199 10.87 1.20 -8.20
C LEU A 199 10.12 1.48 -6.90
N ARG A 200 10.62 2.36 -6.05
CA ARG A 200 9.81 2.78 -4.90
C ARG A 200 8.61 3.61 -5.33
N LEU A 201 8.76 4.42 -6.38
CA LEU A 201 7.60 5.13 -6.92
C LEU A 201 6.69 4.18 -7.68
N LEU A 202 7.27 3.33 -8.53
CA LEU A 202 6.45 2.51 -9.43
C LEU A 202 5.87 1.30 -8.73
N ARG A 203 6.62 0.68 -7.82
CA ARG A 203 6.21 -0.59 -7.21
C ARG A 203 6.40 -0.52 -5.71
N PRO A 204 5.60 0.29 -5.01
CA PRO A 204 5.70 0.33 -3.54
C PRO A 204 5.36 -1.03 -2.95
N THR A 205 5.92 -1.33 -1.76
CA THR A 205 5.70 -2.62 -1.13
C THR A 205 4.69 -2.49 0.02
N PRO A 206 3.47 -3.01 -0.10
CA PRO A 206 2.53 -2.90 1.02
C PRO A 206 2.96 -3.81 2.15
N ARG A 207 2.93 -3.29 3.38
CA ARG A 207 3.49 -4.04 4.50
C ARG A 207 2.42 -4.88 5.19
N VAL A 208 1.84 -5.79 4.40
CA VAL A 208 0.73 -6.62 4.89
C VAL A 208 1.19 -7.51 6.05
N THR A 209 2.33 -8.18 5.88
CA THR A 209 2.79 -9.08 6.95
C THR A 209 3.02 -8.32 8.26
N LEU A 210 3.62 -7.14 8.19
CA LEU A 210 3.75 -6.31 9.37
C LEU A 210 2.39 -5.98 9.97
N GLY A 211 1.45 -5.55 9.13
CA GLY A 211 0.13 -5.17 9.63
C GLY A 211 -0.54 -6.30 10.40
N LEU A 212 -0.34 -7.53 9.94
CA LEU A 212 -0.94 -8.71 10.57
C LEU A 212 -0.26 -9.08 11.86
N ARG A 213 0.89 -8.48 12.18
CA ARG A 213 1.54 -8.77 13.44
C ARG A 213 1.44 -7.63 14.44
N LEU A 214 1.10 -6.43 13.99
CA LEU A 214 1.15 -5.23 14.83
C LEU A 214 0.10 -5.25 15.92
N ARG A 215 -1.01 -5.97 15.74
CA ARG A 215 -2.03 -5.99 16.77
C ARG A 215 -1.45 -6.50 18.07
N ALA A 216 -0.48 -7.40 17.99
CA ALA A 216 0.14 -7.92 19.21
C ALA A 216 1.09 -6.94 19.86
N PHE A 217 1.47 -5.85 19.20
CA PHE A 217 2.51 -4.97 19.72
C PHE A 217 2.12 -3.50 19.82
N ALA A 218 1.24 -3.03 18.94
CA ALA A 218 1.05 -1.61 18.73
C ALA A 218 -0.27 -1.14 19.32
N HIS A 219 -0.39 0.17 19.52
CA HIS A 219 -1.61 0.80 19.99
C HIS A 219 -2.42 1.43 18.88
N ALA A 220 -1.76 2.06 17.92
CA ALA A 220 -2.42 2.75 16.82
C ALA A 220 -1.53 2.64 15.59
N ALA A 221 -2.15 2.73 14.41
CA ALA A 221 -1.40 2.63 13.18
C ALA A 221 -2.11 3.40 12.08
N VAL A 222 -1.34 3.77 11.06
CA VAL A 222 -1.85 4.44 9.88
C VAL A 222 -0.90 4.11 8.74
N ASP A 223 -1.42 4.07 7.51
CA ASP A 223 -0.45 3.93 6.43
C ASP A 223 -0.05 5.29 5.91
N VAL A 224 1.21 5.40 5.51
CA VAL A 224 1.81 6.65 5.10
C VAL A 224 1.74 6.70 3.58
N SER A 225 0.77 7.45 3.07
CA SER A 225 0.63 7.62 1.63
CA SER A 225 0.55 7.60 1.64
C SER A 225 0.50 9.07 1.21
N ASP A 226 0.13 9.97 2.13
CA ASP A 226 0.10 11.41 1.87
C ASP A 226 1.26 12.14 2.56
N GLY A 227 2.28 11.41 2.97
CA GLY A 227 3.41 11.93 3.69
C GLY A 227 3.27 11.72 5.18
N LEU A 228 4.40 11.51 5.85
CA LEU A 228 4.41 11.18 7.26
C LEU A 228 3.60 12.19 8.08
N LEU A 229 3.81 13.49 7.84
CA LEU A 229 3.17 14.50 8.67
C LEU A 229 1.66 14.47 8.54
N ALA A 230 1.15 14.30 7.32
CA ALA A 230 -0.29 14.26 7.11
C ALA A 230 -0.89 13.03 7.77
N ASP A 231 -0.26 11.86 7.58
CA ASP A 231 -0.85 10.61 8.07
C ASP A 231 -0.65 10.45 9.56
N LEU A 232 0.54 10.78 10.09
CA LEU A 232 0.67 10.81 11.54
C LEU A 232 -0.30 11.83 12.15
N GLY A 233 -0.56 12.91 11.41
CA GLY A 233 -1.58 13.87 11.81
C GLY A 233 -2.93 13.25 12.10
N HIS A 234 -3.32 12.25 11.31
CA HIS A 234 -4.56 11.54 11.61
C HIS A 234 -4.49 10.81 12.94
N ILE A 235 -3.35 10.19 13.26
CA ILE A 235 -3.24 9.55 14.57
C ILE A 235 -3.36 10.58 15.69
N ALA A 236 -2.65 11.69 15.55
CA ALA A 236 -2.65 12.71 16.61
C ALA A 236 -4.05 13.26 16.83
N ALA A 237 -4.74 13.59 15.73
CA ALA A 237 -6.09 14.16 15.84
C ALA A 237 -7.07 13.14 16.40
N ARG A 238 -7.10 11.93 15.83
CA ARG A 238 -8.08 10.95 16.26
C ARG A 238 -7.83 10.49 17.69
N SER A 239 -6.57 10.44 18.13
CA SER A 239 -6.22 10.02 19.48
C SER A 239 -6.23 11.16 20.50
N ASN A 240 -6.40 12.41 20.06
CA ASN A 240 -6.41 13.59 20.95
C ASN A 240 -5.09 13.75 21.70
N VAL A 241 -3.98 13.66 20.96
CA VAL A 241 -2.64 13.73 21.55
C VAL A 241 -1.73 14.55 20.64
N ALA A 242 -0.57 14.91 21.17
CA ALA A 242 0.49 15.43 20.31
C ALA A 242 1.39 14.30 19.86
N ALA A 243 1.88 14.44 18.63
CA ALA A 243 2.91 13.57 18.09
C ALA A 243 4.17 14.39 17.85
N HIS A 244 5.29 13.93 18.38
CA HIS A 244 6.55 14.64 18.21
C HIS A 244 7.46 13.76 17.35
N VAL A 245 7.99 14.33 16.28
CA VAL A 245 8.87 13.63 15.34
C VAL A 245 10.26 14.23 15.42
N ASP A 246 11.27 13.38 15.60
CA ASP A 246 12.64 13.82 15.49
C ASP A 246 13.09 13.62 14.04
N ALA A 247 13.23 14.73 13.31
CA ALA A 247 13.49 14.62 11.88
C ALA A 247 14.80 13.88 11.61
N ASP A 248 15.79 14.07 12.48
CA ASP A 248 17.09 13.43 12.27
C ASP A 248 17.00 11.91 12.29
N SER A 249 15.94 11.35 12.92
CA SER A 249 15.78 9.91 13.09
C SER A 249 15.05 9.24 11.94
N LEU A 250 14.52 10.01 11.01
CA LEU A 250 13.71 9.42 9.95
C LEU A 250 14.57 8.45 9.12
N PRO A 251 14.00 7.28 8.72
CA PRO A 251 14.75 6.34 7.87
C PRO A 251 14.81 6.82 6.43
N ILE A 252 16.00 7.20 6.00
CA ILE A 252 16.20 7.73 4.66
C ILE A 252 17.11 6.77 3.91
N SER A 253 16.66 6.33 2.73
CA SER A 253 17.39 5.32 2.00
C SER A 253 18.73 5.85 1.49
N HIS A 254 19.63 4.92 1.20
CA HIS A 254 20.90 5.27 0.58
C HIS A 254 20.67 6.11 -0.67
N ALA A 255 19.79 5.64 -1.55
CA ALA A 255 19.58 6.31 -2.84
C ALA A 255 19.02 7.71 -2.65
N LEU A 256 18.05 7.87 -1.74
CA LEU A 256 17.47 9.18 -1.53
C LEU A 256 18.52 10.15 -1.01
N ARG A 257 19.31 9.71 -0.03
CA ARG A 257 20.37 10.57 0.48
C ARG A 257 21.42 10.87 -0.60
N GLU A 258 21.69 9.90 -1.48
CA GLU A 258 22.73 10.10 -2.49
C GLU A 258 22.29 11.04 -3.61
N LEU A 259 21.02 10.99 -4.02
CA LEU A 259 20.58 11.65 -5.24
C LEU A 259 19.87 12.98 -5.01
N LEU A 260 19.38 13.22 -3.79
CA LEU A 260 18.71 14.48 -3.47
C LEU A 260 19.52 15.21 -2.41
N GLY A 261 19.49 16.52 -2.47
CA GLY A 261 20.17 17.32 -1.46
C GLY A 261 19.54 17.13 -0.09
N ARG A 262 20.26 17.61 0.92
CA ARG A 262 19.85 17.40 2.31
C ARG A 262 18.44 17.94 2.57
N ASP A 263 18.14 19.14 2.09
CA ASP A 263 16.83 19.74 2.34
C ASP A 263 15.74 19.01 1.54
N ASP A 264 15.97 18.78 0.25
CA ASP A 264 14.98 18.06 -0.56
C ASP A 264 14.71 16.67 -0.01
N ALA A 265 15.77 15.95 0.39
CA ALA A 265 15.55 14.61 0.94
C ALA A 265 14.73 14.68 2.22
N ARG A 266 15.02 15.67 3.07
CA ARG A 266 14.24 15.82 4.29
C ARG A 266 12.78 16.11 3.98
N ASP A 267 12.53 16.98 3.00
CA ASP A 267 11.16 17.32 2.66
C ASP A 267 10.43 16.10 2.10
N CYS A 268 11.10 15.32 1.26
CA CYS A 268 10.49 14.09 0.75
C CYS A 268 10.14 13.14 1.89
N ALA A 269 11.04 13.00 2.86
CA ALA A 269 10.80 12.06 3.95
C ALA A 269 9.63 12.52 4.83
N LEU A 270 9.51 13.83 5.05
CA LEU A 270 8.47 14.36 5.94
C LEU A 270 7.12 14.46 5.25
N ARG A 271 7.11 14.81 3.97
CA ARG A 271 5.88 15.20 3.27
C ARG A 271 5.69 14.53 1.92
N GLY A 272 6.57 13.59 1.54
CA GLY A 272 6.48 13.00 0.21
C GLY A 272 5.28 12.07 0.08
N GLY A 273 4.69 12.05 -1.12
CA GLY A 273 3.58 11.15 -1.36
C GLY A 273 4.02 9.73 -1.64
N ASP A 274 3.10 8.80 -1.40
CA ASP A 274 3.15 7.43 -1.96
C ASP A 274 4.22 6.54 -1.35
N ASP A 275 4.57 6.72 -0.07
CA ASP A 275 5.52 5.77 0.53
C ASP A 275 4.90 4.38 0.68
N TYR A 276 3.63 4.35 1.09
CA TYR A 276 2.92 3.11 1.44
C TYR A 276 3.71 2.30 2.47
N GLU A 277 4.23 3.02 3.47
CA GLU A 277 4.80 2.43 4.67
C GLU A 277 3.75 2.48 5.78
N LEU A 278 4.02 1.83 6.91
CA LEU A 278 3.12 1.85 8.05
C LEU A 278 3.77 2.66 9.18
N CYS A 279 3.02 3.60 9.75
CA CYS A 279 3.45 4.33 10.93
C CYS A 279 2.59 3.89 12.09
N PHE A 280 3.21 3.55 13.23
CA PHE A 280 2.43 3.08 14.36
C PHE A 280 3.01 3.60 15.66
N THR A 281 2.21 3.49 16.72
CA THR A 281 2.66 3.84 18.06
C THR A 281 2.59 2.59 18.93
N ALA A 282 3.49 2.52 19.91
CA ALA A 282 3.61 1.37 20.80
C ALA A 282 4.13 1.84 22.15
N ALA A 283 3.73 1.12 23.20
CA ALA A 283 4.28 1.39 24.52
C ALA A 283 5.79 1.32 24.50
N ALA A 284 6.44 2.15 25.32
CA ALA A 284 7.91 2.21 25.34
C ALA A 284 8.54 0.88 25.69
N ASP A 285 7.85 0.02 26.44
CA ASP A 285 8.44 -1.25 26.82
C ASP A 285 8.37 -2.30 25.71
N GLN A 286 7.87 -1.94 24.53
CA GLN A 286 7.88 -2.82 23.37
C GLN A 286 9.15 -2.65 22.51
N ARG A 287 10.14 -1.87 22.95
CA ARG A 287 11.26 -1.56 22.06
C ARG A 287 12.03 -2.82 21.70
N ASP A 288 12.39 -3.63 22.69
CA ASP A 288 13.11 -4.87 22.44
C ASP A 288 12.34 -5.77 21.49
N ALA A 289 11.03 -5.90 21.72
CA ALA A 289 10.22 -6.80 20.92
C ALA A 289 10.14 -6.33 19.48
N LEU A 290 10.02 -5.01 19.28
CA LEU A 290 9.91 -4.48 17.94
C LEU A 290 11.22 -4.58 17.18
N HIS A 291 12.36 -4.44 17.86
CA HIS A 291 13.63 -4.70 17.18
C HIS A 291 13.72 -6.16 16.75
N TYR A 292 13.25 -7.06 17.62
CA TYR A 292 13.22 -8.46 17.26
C TYR A 292 12.29 -8.71 16.09
N LEU A 293 11.14 -8.03 16.08
CA LEU A 293 10.19 -8.19 14.98
C LEU A 293 10.80 -7.74 13.66
N ALA A 294 11.52 -6.61 13.68
CA ALA A 294 12.16 -6.12 12.48
C ALA A 294 13.15 -7.14 11.93
N GLU A 295 13.91 -7.77 12.82
CA GLU A 295 14.83 -8.83 12.37
CA GLU A 295 14.82 -8.82 12.35
C GLU A 295 14.05 -10.00 11.81
N SER A 296 12.95 -10.37 12.46
CA SER A 296 12.15 -11.51 12.03
C SER A 296 11.55 -11.30 10.65
N LEU A 297 11.09 -10.08 10.38
CA LEU A 297 10.48 -9.70 9.11
C LEU A 297 11.50 -9.32 8.05
N ASP A 298 12.77 -9.16 8.41
CA ASP A 298 13.76 -8.55 7.51
C ASP A 298 13.17 -7.27 6.92
N LEU A 299 12.62 -6.45 7.81
CA LEU A 299 12.00 -5.18 7.46
C LEU A 299 12.42 -4.12 8.48
N PRO A 300 13.03 -3.04 8.08
CA PRO A 300 13.41 -2.02 9.07
C PRO A 300 12.20 -1.46 9.78
N LEU A 301 12.31 -1.33 11.10
CA LEU A 301 11.37 -0.56 11.91
C LEU A 301 12.18 0.45 12.71
N THR A 302 11.86 1.73 12.54
CA THR A 302 12.67 2.81 13.06
C THR A 302 11.86 3.63 14.04
N ARG A 303 12.39 3.81 15.26
CA ARG A 303 11.75 4.66 16.25
C ARG A 303 12.04 6.12 15.92
N ILE A 304 11.00 6.90 15.64
CA ILE A 304 11.16 8.24 15.11
C ILE A 304 10.60 9.34 16.01
N GLY A 305 9.95 9.00 17.12
CA GLY A 305 9.30 10.04 17.89
C GLY A 305 8.53 9.49 19.06
N ARG A 306 7.63 10.33 19.58
CA ARG A 306 6.92 10.01 20.81
C ARG A 306 5.56 10.69 20.81
N ILE A 307 4.62 10.09 21.54
CA ILE A 307 3.29 10.64 21.76
C ILE A 307 3.29 11.32 23.11
N ALA A 308 2.71 12.53 23.19
CA ALA A 308 2.80 13.34 24.40
C ALA A 308 1.55 14.19 24.56
N ASP A 309 1.43 14.79 25.74
CA ASP A 309 0.37 15.76 26.02
C ASP A 309 0.44 16.90 25.01
N GLY A 310 -0.73 17.44 24.64
CA GLY A 310 -0.80 18.54 23.69
C GLY A 310 -1.62 18.19 22.46
N GLN A 311 -1.39 18.89 21.35
CA GLN A 311 -2.12 18.62 20.12
C GLN A 311 -1.17 18.77 18.93
N GLY A 312 -1.45 18.01 17.88
CA GLY A 312 -0.84 18.19 16.58
C GLY A 312 0.48 17.44 16.42
N VAL A 313 0.89 17.33 15.15
CA VAL A 313 2.20 16.77 14.82
C VAL A 313 3.25 17.85 14.92
N HIS A 314 4.37 17.52 15.55
CA HIS A 314 5.47 18.44 15.71
C HIS A 314 6.67 17.83 15.00
N VAL A 315 7.51 18.71 14.44
CA VAL A 315 8.81 18.33 13.94
C VAL A 315 9.82 19.12 14.73
N ASP A 316 10.73 18.41 15.39
CA ASP A 316 11.76 19.06 16.19
C ASP A 316 11.14 20.11 17.12
N GLY A 317 9.99 19.77 17.70
CA GLY A 317 9.34 20.59 18.71
C GLY A 317 8.31 21.58 18.20
N GLU A 318 8.20 21.78 16.88
CA GLU A 318 7.34 22.84 16.33
C GLU A 318 6.16 22.22 15.61
N ALA A 319 4.95 22.69 15.90
CA ALA A 319 3.76 22.19 15.21
C ALA A 319 3.27 23.11 14.11
N ALA A 320 3.56 24.40 14.18
CA ALA A 320 3.32 25.33 13.07
C ALA A 320 3.85 24.76 11.76
#